data_5GN8
#
_entry.id   5GN8
#
_cell.length_a   236.120
_cell.length_b   236.120
_cell.length_c   236.120
_cell.angle_alpha   90.00
_cell.angle_beta   90.00
_cell.angle_gamma   90.00
#
_symmetry.space_group_name_H-M   'F 4 3 2'
#
loop_
_entity.id
_entity.type
_entity.pdbx_description
1 polymer 'Ferritin heavy chain'
2 polymer 'Ferritin heavy chain'
3 non-polymer 'CALCIUM ION'
4 water water
#
loop_
_entity_poly.entity_id
_entity_poly.type
_entity_poly.pdbx_seq_one_letter_code
_entity_poly.pdbx_strand_id
1 'polypeptide(L)'
;TTASTSQVRQNYHQDSEAAINRQINLELYASYVYLSMSYYFDRDDVALKNFAKYFLHQSHEEREHAEKLMKLQNQRGGRI
FLQDIKKPDCDDWESGLNAMECALHLEKNVNQSLLELHKLATDKNDPHLCDFIETHYLIKELGDHVTNLRKMGAPESGLA
EYLFDKHTLGDSDNES
;
A
2 'polypeptide(L)'
;TTASTSQVRQNYHQDSEAAINRQINLELYASYVYLSMSYYFDRDDVALKNFAKYFLHQSHEEREHAEKLMKLQNQRGGRI
FLQDIKKPDCDDWESGLNAMECALHLEKNVNQSLLELHKLATDKNDPHLCDFIETHYLIKELGDHV
;
B
#
loop_
_chem_comp.id
_chem_comp.type
_chem_comp.name
_chem_comp.formula
CA non-polymer 'CALCIUM ION' 'Ca 2'
#
# COMPACT_ATOMS: atom_id res chain seq x y z
N GLN A 10 -19.16 -30.25 3.41
CA GLN A 10 -18.73 -29.38 4.49
C GLN A 10 -18.60 -27.92 4.03
N ASN A 11 -19.42 -27.04 4.59
CA ASN A 11 -19.22 -25.62 4.37
C ASN A 11 -17.86 -25.16 4.88
N TYR A 12 -17.21 -25.96 5.73
CA TYR A 12 -15.96 -25.56 6.36
C TYR A 12 -14.94 -25.07 5.35
N HIS A 13 -14.68 -25.86 4.31
CA HIS A 13 -13.66 -25.48 3.33
C HIS A 13 -14.01 -24.16 2.65
N GLN A 14 -15.28 -23.97 2.27
CA GLN A 14 -15.66 -22.70 1.68
C GLN A 14 -15.87 -21.61 2.73
N ASP A 15 -16.14 -21.97 3.98
CA ASP A 15 -16.19 -20.96 5.04
C ASP A 15 -14.80 -20.41 5.30
N SER A 16 -13.82 -21.29 5.45
CA SER A 16 -12.46 -20.85 5.71
C SER A 16 -11.88 -20.15 4.48
N GLU A 17 -12.00 -20.76 3.30
CA GLU A 17 -11.46 -20.14 2.10
C GLU A 17 -11.99 -18.73 1.94
N ALA A 18 -13.20 -18.46 2.44
CA ALA A 18 -13.71 -17.11 2.41
C ALA A 18 -13.14 -16.27 3.53
N ALA A 19 -13.07 -16.83 4.75
CA ALA A 19 -12.49 -16.08 5.86
C ALA A 19 -11.07 -15.66 5.54
N ILE A 20 -10.34 -16.51 4.81
CA ILE A 20 -9.02 -16.13 4.33
C ILE A 20 -9.12 -14.97 3.36
N ASN A 21 -9.94 -15.14 2.31
CA ASN A 21 -10.09 -14.07 1.34
C ASN A 21 -10.51 -12.78 2.01
N ARG A 22 -11.31 -12.88 3.08
CA ARG A 22 -11.70 -11.69 3.81
C ARG A 22 -10.52 -11.08 4.51
N GLN A 23 -9.73 -11.92 5.21
CA GLN A 23 -8.58 -11.40 5.92
C GLN A 23 -7.55 -10.80 4.98
N ILE A 24 -7.36 -11.40 3.81
CA ILE A 24 -6.43 -10.86 2.82
C ILE A 24 -6.78 -9.41 2.50
N ASN A 25 -8.05 -9.14 2.18
CA ASN A 25 -8.42 -7.78 1.84
C ASN A 25 -8.27 -6.85 3.03
N LEU A 26 -8.43 -7.36 4.23
CA LEU A 26 -8.29 -6.49 5.39
C LEU A 26 -6.85 -6.08 5.60
N GLU A 27 -5.92 -7.03 5.51
CA GLU A 27 -4.52 -6.65 5.68
C GLU A 27 -4.06 -5.71 4.57
N LEU A 28 -4.48 -5.95 3.33
CA LEU A 28 -4.22 -5.00 2.26
C LEU A 28 -4.80 -3.63 2.59
N TYR A 29 -6.00 -3.61 3.13
CA TYR A 29 -6.60 -2.34 3.53
C TYR A 29 -5.69 -1.62 4.50
N ALA A 30 -5.31 -2.30 5.58
CA ALA A 30 -4.44 -1.66 6.57
C ALA A 30 -3.16 -1.17 5.93
N SER A 31 -2.56 -1.97 5.05
CA SER A 31 -1.41 -1.52 4.30
C SER A 31 -1.68 -0.18 3.66
N TYR A 32 -2.80 -0.06 2.94
CA TYR A 32 -3.15 1.20 2.30
C TYR A 32 -3.28 2.31 3.32
N VAL A 33 -3.87 2.00 4.47
CA VAL A 33 -4.15 3.01 5.47
C VAL A 33 -2.85 3.62 5.97
N TYR A 34 -1.91 2.78 6.39
CA TYR A 34 -0.65 3.26 6.93
C TYR A 34 0.18 3.93 5.85
N LEU A 35 0.05 3.47 4.62
CA LEU A 35 0.67 4.17 3.52
C LEU A 35 0.16 5.61 3.44
N SER A 36 -1.16 5.79 3.51
CA SER A 36 -1.71 7.14 3.51
C SER A 36 -1.18 7.94 4.68
N MET A 37 -1.23 7.33 5.87
CA MET A 37 -0.78 8.05 7.06
C MET A 37 0.65 8.53 6.91
N SER A 38 1.53 7.67 6.40
CA SER A 38 2.93 8.03 6.28
C SER A 38 3.09 9.32 5.48
N TYR A 39 2.60 9.34 4.25
CA TYR A 39 2.82 10.51 3.40
C TYR A 39 2.06 11.74 3.88
N TYR A 40 1.05 11.55 4.72
CA TYR A 40 0.51 12.68 5.46
C TYR A 40 1.58 13.34 6.30
N PHE A 41 2.44 12.56 6.92
CA PHE A 41 3.50 13.19 7.69
C PHE A 41 4.67 13.61 6.82
N ASP A 42 4.70 13.18 5.57
CA ASP A 42 5.74 13.68 4.69
C ASP A 42 5.46 15.10 4.20
N ARG A 43 4.21 15.54 4.17
CA ARG A 43 3.93 16.83 3.55
C ARG A 43 4.45 17.96 4.42
N ASP A 44 4.72 19.08 3.77
CA ASP A 44 5.50 20.14 4.39
C ASP A 44 4.73 20.91 5.42
N ASP A 45 3.41 20.80 5.43
CA ASP A 45 2.62 21.39 6.50
C ASP A 45 2.49 20.46 7.68
N VAL A 46 3.13 19.30 7.63
CA VAL A 46 3.13 18.40 8.78
C VAL A 46 4.57 18.16 9.23
N ALA A 47 5.35 17.54 8.36
CA ALA A 47 6.81 17.49 8.48
C ALA A 47 7.29 16.77 9.73
N LEU A 48 6.78 15.56 9.96
CA LEU A 48 7.29 14.66 10.97
C LEU A 48 7.86 13.43 10.30
N LYS A 49 9.20 13.33 10.24
CA LYS A 49 9.81 12.28 9.45
C LYS A 49 9.72 10.94 10.11
N ASN A 50 9.79 10.89 11.43
CA ASN A 50 9.79 9.59 12.07
C ASN A 50 8.39 9.03 12.22
N PHE A 51 7.37 9.88 12.32
CA PHE A 51 6.00 9.41 12.15
C PHE A 51 5.83 8.80 10.77
N ALA A 52 6.37 9.47 9.75
CA ALA A 52 6.28 8.95 8.40
C ALA A 52 6.95 7.60 8.28
N LYS A 53 8.19 7.49 8.78
CA LYS A 53 8.91 6.23 8.75
C LYS A 53 8.12 5.14 9.46
N TYR A 54 7.67 5.42 10.68
CA TYR A 54 6.95 4.45 11.46
C TYR A 54 5.83 3.81 10.68
N PHE A 55 5.00 4.59 10.01
CA PHE A 55 3.84 4.04 9.34
C PHE A 55 4.19 3.35 8.03
N LEU A 56 5.13 3.90 7.29
CA LEU A 56 5.58 3.21 6.08
C LEU A 56 6.13 1.84 6.42
N HIS A 57 6.91 1.74 7.49
CA HIS A 57 7.35 0.43 7.90
C HIS A 57 6.17 -0.47 8.15
N GLN A 58 5.29 -0.07 9.05
CA GLN A 58 4.13 -0.87 9.37
C GLN A 58 3.28 -1.16 8.15
N SER A 59 3.16 -0.21 7.24
CA SER A 59 2.45 -0.48 6.02
C SER A 59 3.06 -1.66 5.30
N HIS A 60 4.38 -1.74 5.27
CA HIS A 60 5.00 -2.89 4.63
C HIS A 60 4.78 -4.15 5.42
N GLU A 61 4.76 -4.06 6.75
CA GLU A 61 4.44 -5.23 7.55
C GLU A 61 3.10 -5.80 7.15
N GLU A 62 2.07 -4.95 7.07
CA GLU A 62 0.73 -5.43 6.76
C GLU A 62 0.68 -6.04 5.37
N ARG A 63 1.41 -5.45 4.42
CA ARG A 63 1.48 -6.05 3.09
C ARG A 63 2.12 -7.43 3.14
N GLU A 64 3.21 -7.58 3.89
CA GLU A 64 3.83 -8.89 4.04
C GLU A 64 2.84 -9.90 4.58
N HIS A 65 2.08 -9.51 5.61
CA HIS A 65 1.06 -10.38 6.18
C HIS A 65 0.10 -10.86 5.11
N ALA A 66 -0.36 -9.95 4.26
CA ALA A 66 -1.35 -10.30 3.24
C ALA A 66 -0.79 -11.28 2.23
N GLU A 67 0.45 -11.07 1.79
CA GLU A 67 1.05 -12.01 0.86
C GLU A 67 1.17 -13.39 1.48
N LYS A 68 1.47 -13.45 2.78
CA LYS A 68 1.55 -14.74 3.45
C LYS A 68 0.20 -15.44 3.44
N LEU A 69 -0.88 -14.69 3.68
CA LEU A 69 -2.21 -15.26 3.65
C LEU A 69 -2.56 -15.77 2.26
N MET A 70 -2.07 -15.11 1.21
CA MET A 70 -2.33 -15.61 -0.12
C MET A 70 -1.59 -16.92 -0.35
N LYS A 71 -0.33 -17.00 0.07
CA LYS A 71 0.39 -18.26 -0.03
C LYS A 71 -0.31 -19.36 0.76
N LEU A 72 -0.93 -19.01 1.88
CA LEU A 72 -1.68 -20.00 2.64
C LEU A 72 -2.85 -20.53 1.83
N GLN A 73 -3.67 -19.63 1.30
CA GLN A 73 -4.84 -20.04 0.52
C GLN A 73 -4.45 -21.06 -0.53
N ASN A 74 -3.41 -20.78 -1.29
CA ASN A 74 -2.99 -21.71 -2.33
C ASN A 74 -2.49 -23.01 -1.73
N GLN A 75 -1.77 -22.93 -0.60
CA GLN A 75 -1.29 -24.13 0.07
C GLN A 75 -2.45 -25.05 0.42
N ARG A 76 -3.54 -24.48 0.91
CA ARG A 76 -4.68 -25.26 1.35
C ARG A 76 -5.61 -25.64 0.22
N GLY A 77 -5.23 -25.33 -1.02
CA GLY A 77 -6.04 -25.69 -2.16
C GLY A 77 -7.19 -24.75 -2.45
N GLY A 78 -7.34 -23.70 -1.65
CA GLY A 78 -8.39 -22.75 -1.86
C GLY A 78 -8.16 -21.93 -3.12
N ARG A 79 -9.10 -21.03 -3.36
CA ARG A 79 -9.03 -20.11 -4.48
C ARG A 79 -9.07 -18.70 -3.91
N ILE A 80 -8.22 -17.84 -4.45
CA ILE A 80 -8.11 -16.47 -3.98
C ILE A 80 -9.10 -15.62 -4.78
N PHE A 81 -10.03 -14.99 -4.08
CA PHE A 81 -10.97 -14.06 -4.70
C PHE A 81 -10.61 -12.68 -4.20
N LEU A 82 -10.06 -11.86 -5.07
CA LEU A 82 -9.61 -10.53 -4.69
C LEU A 82 -10.73 -9.52 -4.79
N GLN A 83 -10.74 -8.58 -3.85
CA GLN A 83 -11.72 -7.51 -3.83
C GLN A 83 -10.98 -6.19 -3.90
N ASP A 84 -11.73 -5.13 -4.18
CA ASP A 84 -11.11 -3.81 -4.28
C ASP A 84 -10.47 -3.46 -2.96
N ILE A 85 -9.46 -2.61 -3.02
CA ILE A 85 -8.82 -2.08 -1.82
C ILE A 85 -9.36 -0.68 -1.64
N LYS A 86 -10.20 -0.49 -0.63
CA LYS A 86 -10.93 0.75 -0.48
C LYS A 86 -9.98 1.84 0.00
N LYS A 87 -10.11 3.02 -0.59
CA LYS A 87 -9.40 4.17 -0.06
C LYS A 87 -9.70 4.29 1.43
N PRO A 88 -8.74 4.70 2.24
CA PRO A 88 -8.99 4.85 3.67
C PRO A 88 -9.98 5.97 3.94
N ASP A 89 -10.54 5.97 5.15
CA ASP A 89 -11.63 6.88 5.47
C ASP A 89 -11.31 8.32 5.11
N CYS A 90 -10.14 8.81 5.51
CA CYS A 90 -9.81 10.19 5.25
C CYS A 90 -8.39 10.31 4.70
N ASP A 91 -8.13 11.39 3.98
CA ASP A 91 -6.79 11.69 3.46
C ASP A 91 -6.04 12.73 4.28
N ASP A 92 -6.68 13.32 5.29
CA ASP A 92 -6.02 14.27 6.17
C ASP A 92 -6.23 13.76 7.59
N TRP A 93 -5.14 13.40 8.26
CA TRP A 93 -5.20 12.69 9.52
C TRP A 93 -5.06 13.62 10.72
N GLU A 94 -4.86 14.90 10.47
CA GLU A 94 -4.99 16.00 11.41
C GLU A 94 -3.87 16.09 12.44
N SER A 95 -3.24 14.97 12.78
CA SER A 95 -2.27 15.02 13.86
C SER A 95 -1.70 13.64 14.09
N GLY A 96 -0.55 13.60 14.76
CA GLY A 96 0.07 12.32 15.06
C GLY A 96 -0.76 11.50 16.02
N LEU A 97 -1.26 12.15 17.07
CA LEU A 97 -2.10 11.45 18.03
C LEU A 97 -3.35 10.88 17.37
N ASN A 98 -3.96 11.64 16.48
CA ASN A 98 -5.10 11.10 15.76
C ASN A 98 -4.69 9.85 15.00
N ALA A 99 -3.63 9.96 14.20
CA ALA A 99 -3.24 8.83 13.35
C ALA A 99 -2.92 7.60 14.18
N MET A 100 -2.26 7.80 15.32
CA MET A 100 -2.07 6.68 16.25
C MET A 100 -3.40 6.13 16.72
N GLU A 101 -4.31 7.02 17.14
CA GLU A 101 -5.61 6.58 17.64
C GLU A 101 -6.36 5.78 16.60
N CYS A 102 -6.37 6.25 15.35
CA CYS A 102 -7.06 5.50 14.33
C CYS A 102 -6.44 4.12 14.15
N ALA A 103 -5.12 4.08 14.07
CA ALA A 103 -4.43 2.80 13.89
C ALA A 103 -4.71 1.84 15.03
N LEU A 104 -4.77 2.36 16.24
CA LEU A 104 -5.21 1.53 17.36
C LEU A 104 -6.57 0.92 17.08
N HIS A 105 -7.53 1.75 16.66
CA HIS A 105 -8.85 1.25 16.30
C HIS A 105 -8.75 0.20 15.21
N LEU A 106 -8.02 0.51 14.15
CA LEU A 106 -7.97 -0.38 12.99
C LEU A 106 -7.38 -1.74 13.34
N GLU A 107 -6.28 -1.76 14.09
CA GLU A 107 -5.67 -3.04 14.41
C GLU A 107 -6.62 -3.89 15.24
N LYS A 108 -7.35 -3.25 16.15
CA LYS A 108 -8.33 -3.99 16.95
C LYS A 108 -9.42 -4.56 16.09
N ASN A 109 -9.89 -3.82 15.09
CA ASN A 109 -10.91 -4.36 14.21
C ASN A 109 -10.35 -5.48 13.36
N VAL A 110 -9.14 -5.32 12.82
CA VAL A 110 -8.53 -6.39 12.04
C VAL A 110 -8.28 -7.60 12.90
N ASN A 111 -7.82 -7.38 14.13
CA ASN A 111 -7.64 -8.48 15.05
C ASN A 111 -8.94 -9.23 15.28
N GLN A 112 -10.06 -8.52 15.25
CA GLN A 112 -11.36 -9.15 15.48
C GLN A 112 -11.60 -10.28 14.50
N SER A 113 -11.58 -9.97 13.20
CA SER A 113 -11.80 -11.00 12.20
C SER A 113 -10.69 -12.03 12.23
N LEU A 114 -9.46 -11.57 12.45
CA LEU A 114 -8.35 -12.50 12.58
C LEU A 114 -8.65 -13.55 13.63
N LEU A 115 -9.16 -13.13 14.78
CA LEU A 115 -9.59 -14.08 15.79
C LEU A 115 -10.65 -15.00 15.22
N GLU A 116 -11.72 -14.42 14.66
CA GLU A 116 -12.74 -15.23 14.01
C GLU A 116 -12.10 -16.25 13.08
N LEU A 117 -11.07 -15.84 12.36
CA LEU A 117 -10.40 -16.76 11.46
C LEU A 117 -9.83 -17.95 12.21
N HIS A 118 -9.29 -17.73 13.40
CA HIS A 118 -8.66 -18.85 14.11
C HIS A 118 -9.71 -19.82 14.64
N LYS A 119 -10.70 -19.30 15.38
CA LYS A 119 -11.68 -20.17 16.00
C LYS A 119 -12.41 -21.03 14.98
N LEU A 120 -12.51 -20.53 13.75
CA LEU A 120 -13.15 -21.31 12.69
C LEU A 120 -12.23 -22.37 12.11
N ALA A 121 -10.91 -22.16 12.18
CA ALA A 121 -9.97 -23.10 11.57
C ALA A 121 -9.81 -24.35 12.43
N THR A 122 -9.20 -24.19 13.60
CA THR A 122 -8.81 -25.30 14.47
C THR A 122 -7.99 -26.34 13.70
N ASP A 123 -6.86 -25.87 13.19
CA ASP A 123 -5.93 -26.68 12.43
C ASP A 123 -5.07 -27.53 13.35
N LYS A 124 -4.48 -28.58 12.77
CA LYS A 124 -3.26 -29.12 13.32
C LYS A 124 -2.07 -28.21 13.01
N ASN A 125 -2.11 -27.53 11.85
CA ASN A 125 -0.97 -26.74 11.41
C ASN A 125 -0.85 -25.41 12.16
N ASP A 126 -1.97 -24.80 12.56
CA ASP A 126 -2.00 -23.55 13.32
C ASP A 126 -1.11 -22.47 12.72
N PRO A 127 -1.21 -22.22 11.41
CA PRO A 127 -0.17 -21.43 10.74
C PRO A 127 -0.10 -19.96 11.15
N HIS A 128 -1.25 -19.32 11.25
CA HIS A 128 -1.30 -17.87 11.41
C HIS A 128 -1.17 -17.43 12.86
N LEU A 129 -1.04 -18.38 13.78
CA LEU A 129 -0.95 -18.04 15.19
C LEU A 129 0.19 -17.09 15.47
N CYS A 130 1.28 -17.18 14.70
CA CYS A 130 2.42 -16.29 14.91
C CYS A 130 2.05 -14.84 14.60
N ASP A 131 1.33 -14.61 13.50
CA ASP A 131 0.91 -13.25 13.19
C ASP A 131 -0.16 -12.77 14.14
N PHE A 132 -0.94 -13.70 14.70
CA PHE A 132 -1.89 -13.31 15.73
C PHE A 132 -1.16 -12.82 16.97
N ILE A 133 -0.06 -13.48 17.33
CA ILE A 133 0.73 -13.04 18.48
C ILE A 133 1.33 -11.67 18.22
N GLU A 134 1.63 -11.37 16.95
CA GLU A 134 2.29 -10.14 16.60
C GLU A 134 1.34 -8.95 16.72
N THR A 135 0.09 -9.12 16.29
CA THR A 135 -0.89 -8.05 16.39
C THR A 135 -1.05 -7.57 17.82
N HIS A 136 -1.06 -8.50 18.77
CA HIS A 136 -1.20 -8.09 20.16
C HIS A 136 -0.04 -7.24 20.64
N TYR A 137 1.16 -7.45 20.12
CA TYR A 137 2.26 -6.55 20.44
C TYR A 137 2.01 -5.18 19.84
N LEU A 138 1.58 -5.14 18.58
CA LEU A 138 1.31 -3.88 17.92
C LEU A 138 0.24 -3.10 18.66
N ILE A 139 -0.78 -3.81 19.16
CA ILE A 139 -1.83 -3.13 19.88
C ILE A 139 -1.29 -2.49 21.14
N LYS A 140 -0.59 -3.26 21.97
CA LYS A 140 -0.05 -2.68 23.20
C LYS A 140 0.87 -1.51 22.90
N GLU A 141 1.56 -1.55 21.77
CA GLU A 141 2.48 -0.46 21.44
C GLU A 141 1.71 0.80 21.10
N LEU A 142 0.73 0.70 20.20
CA LEU A 142 -0.03 1.88 19.82
C LEU A 142 -0.73 2.50 21.02
N GLY A 143 -1.32 1.66 21.88
CA GLY A 143 -1.85 2.18 23.13
C GLY A 143 -0.81 2.93 23.93
N ASP A 144 0.38 2.33 24.09
CA ASP A 144 1.50 2.99 24.72
C ASP A 144 1.80 4.32 24.03
N HIS A 145 1.65 4.37 22.73
CA HIS A 145 2.00 5.58 22.01
C HIS A 145 0.95 6.65 22.17
N VAL A 146 -0.31 6.27 21.99
CA VAL A 146 -1.41 7.18 22.30
C VAL A 146 -1.23 7.74 23.69
N THR A 147 -1.10 6.86 24.69
CA THR A 147 -0.98 7.31 26.06
C THR A 147 0.08 8.37 26.21
N ASN A 148 1.21 8.22 25.54
CA ASN A 148 2.30 9.16 25.78
C ASN A 148 2.04 10.49 25.13
N LEU A 149 1.50 10.49 23.93
CA LEU A 149 1.19 11.74 23.26
C LEU A 149 0.16 12.53 24.05
N ARG A 150 -0.86 11.87 24.57
CA ARG A 150 -1.88 12.54 25.35
C ARG A 150 -1.26 13.24 26.55
N LYS A 151 -0.58 12.49 27.41
CA LYS A 151 -0.01 13.10 28.61
C LYS A 151 0.95 14.23 28.26
N MET A 152 1.45 14.27 27.04
CA MET A 152 2.38 15.32 26.65
C MET A 152 1.67 16.59 26.20
N GLY A 153 0.37 16.52 25.95
CA GLY A 153 -0.36 17.69 25.51
C GLY A 153 -0.73 17.72 24.06
N ALA A 154 -0.62 16.62 23.36
CA ALA A 154 -1.10 16.54 21.99
C ALA A 154 -2.61 16.52 22.02
N PRO A 155 -3.25 16.77 20.88
CA PRO A 155 -2.75 17.23 19.59
C PRO A 155 -2.41 18.70 19.60
N GLU A 156 -2.97 19.46 20.53
CA GLU A 156 -2.94 20.91 20.38
C GLU A 156 -1.54 21.46 20.57
N SER A 157 -0.69 20.76 21.29
CA SER A 157 0.68 21.21 21.47
C SER A 157 1.55 20.63 20.37
N GLY A 158 1.99 21.46 19.44
CA GLY A 158 2.85 20.97 18.40
C GLY A 158 4.21 20.54 18.89
N LEU A 159 4.64 21.07 20.03
CA LEU A 159 5.92 20.68 20.61
C LEU A 159 5.89 19.23 21.03
N ALA A 160 4.84 18.82 21.72
CA ALA A 160 4.73 17.44 22.16
C ALA A 160 4.97 16.49 21.02
N GLU A 161 4.23 16.66 19.93
CA GLU A 161 4.40 15.74 18.81
C GLU A 161 5.80 15.85 18.21
N TYR A 162 6.41 17.03 18.26
CA TYR A 162 7.77 17.17 17.79
C TYR A 162 8.71 16.32 18.63
N LEU A 163 8.61 16.43 19.95
CA LEU A 163 9.50 15.71 20.82
C LEU A 163 9.21 14.23 20.83
N PHE A 164 8.00 13.85 20.50
CA PHE A 164 7.70 12.44 20.43
C PHE A 164 8.28 11.85 19.17
N ASP A 165 8.11 12.55 18.05
CA ASP A 165 8.71 12.14 16.79
C ASP A 165 10.20 11.89 16.96
N LYS A 166 10.86 12.70 17.76
CA LYS A 166 12.30 12.53 17.99
C LYS A 166 12.57 11.44 19.01
N HIS A 167 12.11 11.63 20.24
CA HIS A 167 12.59 10.77 21.30
C HIS A 167 11.96 9.39 21.28
N THR A 168 10.68 9.27 20.94
CA THR A 168 10.13 7.92 20.91
C THR A 168 10.33 7.23 19.56
N LEU A 169 10.09 7.94 18.47
CA LEU A 169 10.09 7.34 17.16
C LEU A 169 11.43 7.43 16.45
N GLY A 170 12.44 8.00 17.09
CA GLY A 170 13.81 7.94 16.61
C GLY A 170 14.49 6.64 16.95
N ASP A 171 14.27 6.14 18.16
CA ASP A 171 14.90 4.93 18.65
C ASP A 171 13.94 3.74 18.56
N SER B 4 -5.83 26.88 0.60
CA SER B 4 -5.04 27.68 -0.32
C SER B 4 -3.75 26.95 -0.69
N THR B 5 -2.67 27.70 -0.79
CA THR B 5 -1.45 27.24 -1.45
C THR B 5 -0.39 26.83 -0.44
N SER B 6 0.28 25.70 -0.72
CA SER B 6 1.39 25.26 0.10
C SER B 6 2.60 26.16 -0.10
N GLN B 7 3.33 26.39 0.98
CA GLN B 7 4.41 27.35 0.97
C GLN B 7 5.53 26.95 0.03
N VAL B 8 5.63 25.69 -0.36
CA VAL B 8 6.73 25.22 -1.17
C VAL B 8 6.39 25.19 -2.65
N ARG B 9 5.18 25.57 -3.04
CA ARG B 9 4.74 25.36 -4.40
C ARG B 9 5.38 26.39 -5.32
N GLN B 10 5.97 25.92 -6.41
CA GLN B 10 6.49 26.78 -7.45
C GLN B 10 6.33 26.07 -8.78
N ASN B 11 5.81 26.79 -9.77
CA ASN B 11 5.72 26.34 -11.16
C ASN B 11 5.04 24.99 -11.28
N TYR B 12 4.23 24.61 -10.31
CA TYR B 12 3.61 23.29 -10.28
C TYR B 12 2.15 23.46 -10.67
N HIS B 13 1.82 23.06 -11.88
CA HIS B 13 0.47 23.31 -12.33
C HIS B 13 -0.49 22.37 -11.61
N GLN B 14 -1.75 22.79 -11.54
CA GLN B 14 -2.74 21.95 -10.92
C GLN B 14 -3.12 20.77 -11.79
N ASP B 15 -2.93 20.89 -13.10
CA ASP B 15 -3.20 19.74 -13.94
C ASP B 15 -2.28 18.59 -13.58
N SER B 16 -0.99 18.88 -13.40
CA SER B 16 -0.01 17.86 -13.08
C SER B 16 -0.30 17.24 -11.72
N GLU B 17 -0.57 18.10 -10.73
CA GLU B 17 -0.95 17.60 -9.41
C GLU B 17 -2.01 16.54 -9.55
N ALA B 18 -2.95 16.75 -10.46
CA ALA B 18 -4.02 15.79 -10.66
C ALA B 18 -3.53 14.57 -11.42
N ALA B 19 -2.60 14.77 -12.35
CA ALA B 19 -2.12 13.65 -13.15
C ALA B 19 -1.21 12.75 -12.32
N ILE B 20 -0.37 13.35 -11.49
CA ILE B 20 0.37 12.59 -10.50
C ILE B 20 -0.57 11.69 -9.74
N ASN B 21 -1.61 12.28 -9.15
CA ASN B 21 -2.53 11.48 -8.34
C ASN B 21 -3.13 10.36 -9.17
N ARG B 22 -3.31 10.58 -10.46
CA ARG B 22 -3.85 9.55 -11.30
C ARG B 22 -2.84 8.44 -11.49
N GLN B 23 -1.58 8.81 -11.70
CA GLN B 23 -0.55 7.81 -11.91
C GLN B 23 -0.24 7.06 -10.64
N ILE B 24 -0.36 7.71 -9.50
CA ILE B 24 -0.24 7.01 -8.24
C ILE B 24 -1.21 5.84 -8.19
N ASN B 25 -2.50 6.12 -8.37
CA ASN B 25 -3.47 5.03 -8.29
C ASN B 25 -3.20 4.00 -9.36
N LEU B 26 -2.70 4.42 -10.51
CA LEU B 26 -2.44 3.47 -11.58
C LEU B 26 -1.30 2.52 -11.19
N GLU B 27 -0.21 3.04 -10.66
CA GLU B 27 0.86 2.16 -10.23
C GLU B 27 0.44 1.28 -9.07
N LEU B 28 -0.34 1.82 -8.13
CA LEU B 28 -0.93 0.97 -7.11
C LEU B 28 -1.76 -0.13 -7.74
N TYR B 29 -2.55 0.21 -8.76
CA TYR B 29 -3.30 -0.81 -9.45
C TYR B 29 -2.37 -1.85 -10.06
N ALA B 30 -1.37 -1.38 -10.81
CA ALA B 30 -0.40 -2.29 -11.42
C ALA B 30 0.26 -3.19 -10.40
N SER B 31 0.65 -2.63 -9.25
CA SER B 31 1.11 -3.45 -8.15
C SER B 31 0.12 -4.56 -7.83
N TYR B 32 -1.15 -4.20 -7.62
CA TYR B 32 -2.16 -5.18 -7.24
C TYR B 32 -2.28 -6.26 -8.29
N VAL B 33 -2.20 -5.88 -9.56
CA VAL B 33 -2.38 -6.84 -10.63
C VAL B 33 -1.25 -7.85 -10.60
N TYR B 34 -0.01 -7.36 -10.62
CA TYR B 34 1.15 -8.23 -10.56
C TYR B 34 1.06 -9.15 -9.36
N LEU B 35 0.69 -8.61 -8.20
CA LEU B 35 0.50 -9.43 -7.03
C LEU B 35 -0.43 -10.60 -7.32
N SER B 36 -1.57 -10.32 -7.97
CA SER B 36 -2.50 -11.40 -8.27
C SER B 36 -1.89 -12.37 -9.26
N MET B 37 -1.16 -11.86 -10.23
CA MET B 37 -0.53 -12.73 -11.20
C MET B 37 0.47 -13.64 -10.52
N SER B 38 1.20 -13.12 -9.56
CA SER B 38 2.17 -13.93 -8.84
C SER B 38 1.50 -15.16 -8.26
N TYR B 39 0.48 -14.95 -7.44
CA TYR B 39 -0.10 -16.11 -6.78
C TYR B 39 -0.93 -16.96 -7.71
N TYR B 40 -1.19 -16.49 -8.92
CA TYR B 40 -1.71 -17.41 -9.92
C TYR B 40 -0.69 -18.50 -10.20
N PHE B 41 0.54 -18.11 -10.46
CA PHE B 41 1.57 -19.10 -10.73
C PHE B 41 1.99 -19.87 -9.50
N ASP B 42 1.52 -19.47 -8.33
CA ASP B 42 1.89 -20.20 -7.12
C ASP B 42 1.03 -21.42 -6.89
N ARG B 43 -0.16 -21.48 -7.48
CA ARG B 43 -1.06 -22.57 -7.16
C ARG B 43 -0.58 -23.87 -7.81
N ASP B 44 -0.91 -24.98 -7.16
CA ASP B 44 -0.53 -26.28 -7.66
C ASP B 44 -1.07 -26.52 -9.06
N ASP B 45 -2.26 -25.99 -9.37
CA ASP B 45 -2.79 -26.09 -10.73
C ASP B 45 -1.80 -25.56 -11.76
N VAL B 46 -0.91 -24.67 -11.35
CA VAL B 46 -0.01 -23.99 -12.27
C VAL B 46 1.43 -24.30 -11.89
N ALA B 47 1.83 -23.86 -10.70
CA ALA B 47 3.12 -24.25 -10.11
C ALA B 47 4.32 -23.87 -10.98
N LEU B 48 4.41 -22.60 -11.34
CA LEU B 48 5.62 -22.06 -11.95
C LEU B 48 6.24 -21.13 -10.93
N LYS B 49 7.30 -21.60 -10.28
CA LYS B 49 7.89 -20.82 -9.21
C LYS B 49 8.68 -19.66 -9.76
N ASN B 50 9.25 -19.82 -10.95
CA ASN B 50 10.02 -18.74 -11.53
C ASN B 50 9.14 -17.53 -11.77
N PHE B 51 8.01 -17.74 -12.45
CA PHE B 51 7.09 -16.66 -12.72
C PHE B 51 6.56 -16.06 -11.43
N ALA B 52 6.12 -16.91 -10.51
CA ALA B 52 5.71 -16.42 -9.19
C ALA B 52 6.79 -15.52 -8.61
N LYS B 53 8.04 -15.95 -8.66
CA LYS B 53 9.13 -15.12 -8.20
C LYS B 53 9.14 -13.77 -8.91
N TYR B 54 8.94 -13.78 -10.22
CA TYR B 54 9.14 -12.57 -11.01
C TYR B 54 8.07 -11.53 -10.73
N PHE B 55 6.81 -11.95 -10.75
CA PHE B 55 5.74 -10.98 -10.59
C PHE B 55 5.64 -10.48 -9.16
N LEU B 56 5.98 -11.32 -8.19
CA LEU B 56 6.09 -10.78 -6.85
C LEU B 56 7.15 -9.71 -6.79
N HIS B 57 8.20 -9.84 -7.58
CA HIS B 57 9.18 -8.77 -7.67
C HIS B 57 8.61 -7.58 -8.42
N GLN B 58 7.92 -7.81 -9.53
CA GLN B 58 7.35 -6.70 -10.29
C GLN B 58 6.31 -5.95 -9.46
N SER B 59 5.49 -6.68 -8.71
CA SER B 59 4.53 -6.02 -7.83
C SER B 59 5.23 -5.03 -6.92
N HIS B 60 6.26 -5.47 -6.22
CA HIS B 60 6.94 -4.62 -5.27
C HIS B 60 7.59 -3.42 -5.95
N GLU B 61 8.10 -3.59 -7.16
CA GLU B 61 8.71 -2.46 -7.85
C GLU B 61 7.66 -1.42 -8.21
N GLU B 62 6.50 -1.86 -8.67
CA GLU B 62 5.44 -0.91 -8.97
C GLU B 62 5.04 -0.13 -7.73
N ARG B 63 4.79 -0.82 -6.62
CA ARG B 63 4.50 -0.09 -5.41
C ARG B 63 5.65 0.84 -5.04
N GLU B 64 6.89 0.40 -5.24
CA GLU B 64 7.98 1.33 -5.00
C GLU B 64 7.86 2.53 -5.92
N HIS B 65 7.49 2.31 -7.18
CA HIS B 65 7.30 3.43 -8.10
C HIS B 65 6.18 4.34 -7.63
N ALA B 66 5.10 3.77 -7.11
CA ALA B 66 4.00 4.59 -6.63
C ALA B 66 4.47 5.52 -5.53
N GLU B 67 5.19 5.00 -4.55
CA GLU B 67 5.61 5.83 -3.44
C GLU B 67 6.56 6.92 -3.88
N LYS B 68 7.27 6.72 -4.97
CA LYS B 68 8.15 7.77 -5.44
C LYS B 68 7.35 8.92 -5.98
N LEU B 69 6.25 8.63 -6.65
CA LEU B 69 5.30 9.66 -7.07
C LEU B 69 4.75 10.39 -5.87
N MET B 70 4.30 9.64 -4.85
CA MET B 70 3.81 10.30 -3.65
C MET B 70 4.86 11.23 -3.06
N LYS B 71 6.11 10.78 -3.00
CA LYS B 71 7.14 11.64 -2.44
C LYS B 71 7.32 12.89 -3.30
N LEU B 72 7.16 12.76 -4.60
CA LEU B 72 7.25 13.93 -5.47
C LEU B 72 6.13 14.91 -5.22
N GLN B 73 4.89 14.42 -5.15
CA GLN B 73 3.76 15.29 -4.86
C GLN B 73 4.07 16.19 -3.68
N ASN B 74 4.25 15.59 -2.50
CA ASN B 74 4.54 16.38 -1.31
C ASN B 74 5.74 17.27 -1.52
N GLN B 75 6.69 16.86 -2.36
CA GLN B 75 7.88 17.67 -2.52
C GLN B 75 7.54 18.97 -3.23
N ARG B 76 6.70 18.90 -4.24
CA ARG B 76 6.39 20.07 -5.04
C ARG B 76 5.33 20.95 -4.40
N GLY B 77 4.60 20.43 -3.42
CA GLY B 77 3.53 21.13 -2.76
C GLY B 77 2.15 20.61 -3.04
N GLY B 78 2.00 19.72 -4.01
CA GLY B 78 0.68 19.17 -4.27
C GLY B 78 0.16 18.36 -3.11
N ARG B 79 -1.05 17.84 -3.23
CA ARG B 79 -1.65 17.09 -2.15
C ARG B 79 -2.11 15.74 -2.66
N ILE B 80 -1.99 14.73 -1.82
CA ILE B 80 -2.22 13.36 -2.24
C ILE B 80 -3.65 13.00 -1.91
N PHE B 81 -4.38 12.57 -2.92
CA PHE B 81 -5.71 12.03 -2.74
C PHE B 81 -5.72 10.61 -3.25
N LEU B 82 -5.89 9.67 -2.34
CA LEU B 82 -5.87 8.27 -2.70
C LEU B 82 -7.26 7.83 -3.10
N GLN B 83 -7.32 6.95 -4.09
CA GLN B 83 -8.58 6.36 -4.50
C GLN B 83 -8.53 4.87 -4.24
N ASP B 84 -9.65 4.22 -4.49
CA ASP B 84 -9.73 2.79 -4.33
C ASP B 84 -8.75 2.15 -5.29
N ILE B 85 -8.11 1.08 -4.83
CA ILE B 85 -7.30 0.25 -5.72
C ILE B 85 -8.22 -0.84 -6.22
N LYS B 86 -8.56 -0.77 -7.49
CA LYS B 86 -9.57 -1.66 -8.04
C LYS B 86 -9.01 -3.07 -8.13
N LYS B 87 -9.77 -4.04 -7.67
CA LYS B 87 -9.42 -5.42 -7.93
C LYS B 87 -9.19 -5.60 -9.43
N PRO B 88 -8.23 -6.41 -9.83
CA PRO B 88 -7.89 -6.48 -11.26
C PRO B 88 -8.98 -7.15 -12.07
N ASP B 89 -9.17 -6.66 -13.29
CA ASP B 89 -10.29 -7.08 -14.12
C ASP B 89 -9.96 -8.14 -15.17
N CYS B 90 -8.73 -8.63 -15.25
CA CYS B 90 -8.44 -9.68 -16.21
C CYS B 90 -9.03 -10.98 -15.71
N ASP B 91 -9.93 -11.55 -16.50
CA ASP B 91 -10.73 -12.68 -16.05
C ASP B 91 -10.07 -14.02 -16.37
N ASP B 92 -9.84 -14.29 -17.65
CA ASP B 92 -9.59 -15.66 -18.04
C ASP B 92 -8.13 -15.90 -17.78
N TRP B 93 -7.83 -16.60 -16.70
CA TRP B 93 -6.55 -17.24 -16.57
C TRP B 93 -6.88 -18.73 -16.57
N GLU B 94 -6.72 -19.31 -17.74
CA GLU B 94 -6.81 -20.74 -18.00
C GLU B 94 -5.58 -21.13 -18.79
N SER B 95 -5.42 -20.53 -19.97
CA SER B 95 -4.11 -20.30 -20.51
C SER B 95 -3.30 -19.43 -19.55
N GLY B 96 -1.99 -19.68 -19.52
CA GLY B 96 -1.07 -18.75 -18.88
C GLY B 96 -0.60 -17.64 -19.80
N LEU B 97 -1.01 -17.69 -21.07
CA LEU B 97 -0.72 -16.62 -22.01
C LEU B 97 -1.67 -15.46 -21.89
N ASN B 98 -2.91 -15.71 -21.48
CA ASN B 98 -3.81 -14.60 -21.22
C ASN B 98 -3.33 -13.75 -20.07
N ALA B 99 -2.69 -14.36 -19.09
CA ALA B 99 -2.08 -13.59 -18.01
C ALA B 99 -0.96 -12.70 -18.53
N MET B 100 -0.11 -13.24 -19.41
CA MET B 100 0.90 -12.42 -20.06
C MET B 100 0.27 -11.25 -20.79
N GLU B 101 -0.82 -11.52 -21.51
CA GLU B 101 -1.50 -10.48 -22.28
C GLU B 101 -2.02 -9.40 -21.36
N CYS B 102 -2.54 -9.79 -20.20
CA CYS B 102 -2.90 -8.81 -19.20
C CYS B 102 -1.75 -7.87 -18.91
N ALA B 103 -0.59 -8.42 -18.55
CA ALA B 103 0.55 -7.59 -18.21
C ALA B 103 0.96 -6.71 -19.38
N LEU B 104 0.87 -7.25 -20.60
CA LEU B 104 1.26 -6.47 -21.76
C LEU B 104 0.46 -5.17 -21.84
N HIS B 105 -0.86 -5.27 -21.72
CA HIS B 105 -1.69 -4.07 -21.75
C HIS B 105 -1.44 -3.20 -20.53
N LEU B 106 -1.22 -3.80 -19.38
CA LEU B 106 -0.97 -3.05 -18.17
C LEU B 106 0.29 -2.21 -18.31
N GLU B 107 1.39 -2.84 -18.74
CA GLU B 107 2.64 -2.09 -18.93
C GLU B 107 2.43 -0.94 -19.88
N LYS B 108 1.91 -1.23 -21.08
CA LYS B 108 1.71 -0.17 -22.06
C LYS B 108 0.87 0.95 -21.50
N ASN B 109 -0.20 0.62 -20.80
CA ASN B 109 -1.02 1.67 -20.21
C ASN B 109 -0.20 2.51 -19.25
N VAL B 110 0.41 1.86 -18.25
CA VAL B 110 1.21 2.58 -17.26
C VAL B 110 2.26 3.44 -17.93
N ASN B 111 3.01 2.85 -18.85
CA ASN B 111 4.06 3.60 -19.50
C ASN B 111 3.50 4.75 -20.32
N GLN B 112 2.35 4.55 -20.96
CA GLN B 112 1.79 5.62 -21.78
C GLN B 112 1.39 6.83 -20.95
N SER B 113 0.71 6.61 -19.82
CA SER B 113 0.31 7.74 -19.01
C SER B 113 1.53 8.54 -18.58
N LEU B 114 2.63 7.85 -18.31
CA LEU B 114 3.88 8.54 -18.02
C LEU B 114 4.26 9.45 -19.18
N LEU B 115 4.23 8.91 -20.39
CA LEU B 115 4.52 9.73 -21.56
C LEU B 115 3.55 10.89 -21.67
N GLU B 116 2.26 10.64 -21.47
CA GLU B 116 1.30 11.73 -21.48
C GLU B 116 1.62 12.75 -20.41
N LEU B 117 1.89 12.26 -19.21
CA LEU B 117 2.34 13.12 -18.12
C LEU B 117 3.59 13.90 -18.49
N HIS B 118 4.37 13.41 -19.44
CA HIS B 118 5.57 14.17 -19.81
C HIS B 118 5.24 15.29 -20.77
N LYS B 119 4.37 15.02 -21.75
CA LYS B 119 3.91 16.08 -22.63
C LYS B 119 3.28 17.20 -21.83
N LEU B 120 2.36 16.84 -20.93
CA LEU B 120 1.80 17.82 -20.01
C LEU B 120 2.90 18.61 -19.33
N ALA B 121 3.91 17.92 -18.80
CA ALA B 121 5.00 18.62 -18.14
C ALA B 121 5.69 19.57 -19.09
N THR B 122 5.85 19.17 -20.33
CA THR B 122 6.50 20.04 -21.30
C THR B 122 5.62 21.23 -21.64
N ASP B 123 4.32 21.00 -21.84
CA ASP B 123 3.38 22.09 -22.08
C ASP B 123 3.51 23.16 -21.01
N LYS B 124 3.45 22.74 -19.76
CA LYS B 124 3.43 23.64 -18.61
C LYS B 124 4.81 24.13 -18.21
N ASN B 125 5.84 23.83 -18.99
CA ASN B 125 7.15 24.43 -18.81
C ASN B 125 7.75 24.11 -17.46
N ASP B 126 7.55 22.89 -16.98
CA ASP B 126 8.09 22.49 -15.70
C ASP B 126 9.29 21.61 -15.98
N PRO B 127 10.51 22.13 -15.91
CA PRO B 127 11.67 21.29 -16.23
C PRO B 127 11.91 20.23 -15.18
N HIS B 128 11.69 20.56 -13.92
CA HIS B 128 11.83 19.61 -12.84
C HIS B 128 11.01 18.38 -13.09
N LEU B 129 9.71 18.55 -13.33
CA LEU B 129 8.85 17.40 -13.57
C LEU B 129 9.24 16.64 -14.83
N CYS B 130 9.81 17.32 -15.82
CA CYS B 130 10.18 16.62 -17.03
C CYS B 130 11.33 15.66 -16.77
N ASP B 131 12.37 16.15 -16.13
CA ASP B 131 13.48 15.30 -15.75
C ASP B 131 13.02 14.12 -14.93
N PHE B 132 12.09 14.36 -14.01
CA PHE B 132 11.64 13.28 -13.13
C PHE B 132 11.02 12.16 -13.92
N ILE B 133 10.03 12.47 -14.77
CA ILE B 133 9.31 11.44 -15.49
C ILE B 133 10.25 10.64 -16.36
N GLU B 134 11.11 11.33 -17.10
CA GLU B 134 12.06 10.67 -17.99
C GLU B 134 12.80 9.56 -17.27
N THR B 135 13.49 9.92 -16.18
CA THR B 135 14.12 8.95 -15.30
C THR B 135 13.15 7.84 -14.92
N HIS B 136 12.08 8.22 -14.23
CA HIS B 136 11.09 7.25 -13.81
C HIS B 136 10.71 6.33 -14.95
N TYR B 137 10.55 6.88 -16.16
CA TYR B 137 10.13 6.11 -17.32
C TYR B 137 11.24 5.17 -17.79
N LEU B 138 12.43 5.70 -18.03
CA LEU B 138 13.53 4.87 -18.47
C LEU B 138 13.82 3.76 -17.47
N ILE B 139 13.70 4.07 -16.19
CA ILE B 139 13.84 3.03 -15.18
C ILE B 139 12.84 1.92 -15.42
N LYS B 140 11.59 2.28 -15.68
CA LYS B 140 10.59 1.26 -15.95
C LYS B 140 11.00 0.40 -17.15
N GLU B 141 11.19 1.03 -18.30
CA GLU B 141 11.48 0.25 -19.50
C GLU B 141 12.89 -0.33 -19.46
N LEU B 142 13.89 0.52 -19.24
CA LEU B 142 15.28 0.09 -19.37
C LEU B 142 15.94 -0.30 -18.06
N GLY B 143 15.22 -0.35 -16.95
CA GLY B 143 15.82 -0.79 -15.71
C GLY B 143 16.22 -2.25 -15.71
N ASP B 144 15.49 -3.08 -16.48
CA ASP B 144 15.76 -4.51 -16.49
C ASP B 144 17.11 -4.87 -17.11
N HIS B 145 17.73 -3.94 -17.83
CA HIS B 145 18.98 -4.22 -18.53
C HIS B 145 20.18 -3.66 -17.76
N VAL B 146 20.40 -2.35 -17.84
CA VAL B 146 21.44 -1.68 -17.04
C VAL B 146 20.91 -0.35 -16.52
CA CA C . -2.42 -6.86 10.44
CA CA D . 10.53 -3.02 -13.82
#